data_3FHY
#
_entry.id   3FHY
#
_cell.length_a   91.110
_cell.length_b   114.643
_cell.length_c   169.681
_cell.angle_alpha   90.00
_cell.angle_beta   90.00
_cell.angle_gamma   90.00
#
_symmetry.space_group_name_H-M   'I 2 2 2'
#
loop_
_entity.id
_entity.type
_entity.pdbx_description
1 polymer 'Pyridoxal kinase'
2 non-polymer 'MAGNESIUM ION'
3 non-polymer 'SODIUM ION'
4 non-polymer "ADENOSINE-5'-TRIPHOSPHATE"
5 non-polymer 'SULFATE ION'
6 non-polymer (4S)-2-METHYL-2,4-PENTANEDIOL
7 water water
#
_entity_poly.entity_id   1
_entity_poly.type   'polypeptide(L)'
_entity_poly.pdbx_seq_one_letter_code
;MEEECRVLSIQSHVIRGYVGNRAATFPLQVLGFEIDAVNSVQFSNHTGYAHWKGQVLNSDELQELYEGLRLNNMNKYDYV
LTGYTRDKSFLAMVVDIVQELKQQNPRLVYVCDPVLGDKWDGEGSMYVPEDLLPVYKEKVVPLADIITPNQFEAELLSGR
KIHSQEEALRVMDMLHSMGPDTVVITSSDLPSPQGSNYLIVLGSQRRRNPAGSVVMERIRMDIRKVDAVFVGTGNLFAAM
LLAWTHKHPNNLKVACEKTVSTLHHVLQRTIQCAKAQAGEGVRPSPMQLELRMVQSKRDIEDPEIVVQATVL
;
_entity_poly.pdbx_strand_id   A,B
#
# COMPACT_ATOMS: atom_id res chain seq x y z
N GLU A 4 -8.67 -12.36 12.60
CA GLU A 4 -7.91 -11.68 11.51
C GLU A 4 -8.04 -12.47 10.19
N CYS A 5 -8.41 -11.77 9.13
CA CYS A 5 -8.57 -12.39 7.84
C CYS A 5 -7.38 -12.03 6.94
N ARG A 6 -6.62 -13.03 6.52
CA ARG A 6 -5.43 -12.79 5.71
C ARG A 6 -5.60 -13.04 4.23
N VAL A 7 -5.13 -12.10 3.43
CA VAL A 7 -5.23 -12.20 1.99
C VAL A 7 -3.86 -12.11 1.32
N LEU A 8 -3.59 -13.06 0.42
CA LEU A 8 -2.35 -13.04 -0.33
C LEU A 8 -2.77 -12.52 -1.69
N SER A 9 -2.50 -11.25 -1.97
CA SER A 9 -2.92 -10.64 -3.22
C SER A 9 -1.71 -10.45 -4.11
N ILE A 10 -1.69 -11.17 -5.23
CA ILE A 10 -0.58 -11.14 -6.18
C ILE A 10 -0.93 -10.39 -7.45
N GLN A 11 -0.55 -9.13 -7.53
CA GLN A 11 -0.88 -8.30 -8.68
C GLN A 11 0.17 -7.24 -8.93
N SER A 12 -0.08 -6.43 -9.93
CA SER A 12 0.82 -5.36 -10.28
C SER A 12 0.91 -4.27 -9.22
N HIS A 13 2.03 -3.57 -9.25
CA HIS A 13 2.24 -2.43 -8.41
C HIS A 13 2.65 -1.36 -9.37
N VAL A 14 2.17 -0.15 -9.20
CA VAL A 14 2.57 0.99 -10.02
C VAL A 14 2.95 2.02 -8.97
N ILE A 15 3.84 2.92 -9.34
CA ILE A 15 4.27 3.96 -8.41
C ILE A 15 3.25 5.09 -8.33
N ARG A 16 2.77 5.52 -9.49
CA ARG A 16 1.75 6.55 -9.52
C ARG A 16 0.47 5.92 -10.02
N GLY A 17 -0.63 6.11 -9.30
CA GLY A 17 -1.90 5.57 -9.74
C GLY A 17 -2.50 4.44 -8.92
N TYR A 18 -3.62 3.92 -9.40
CA TYR A 18 -4.29 2.84 -8.70
C TYR A 18 -4.77 1.68 -9.59
N VAL A 19 -3.97 0.63 -9.67
CA VAL A 19 -4.32 -0.56 -10.44
C VAL A 19 -3.72 -1.79 -9.72
N GLY A 20 -4.29 -2.97 -9.94
CA GLY A 20 -3.76 -4.15 -9.29
C GLY A 20 -3.72 -4.01 -7.77
N ASN A 21 -2.56 -4.25 -7.17
CA ASN A 21 -2.43 -4.16 -5.72
C ASN A 21 -2.69 -2.76 -5.17
N ARG A 22 -2.42 -1.73 -5.97
CA ARG A 22 -2.68 -0.35 -5.56
C ARG A 22 -4.17 -0.10 -5.39
N ALA A 23 -4.98 -0.73 -6.23
CA ALA A 23 -6.42 -0.57 -6.13
C ALA A 23 -7.03 -1.55 -5.14
N ALA A 24 -6.34 -2.66 -4.89
CA ALA A 24 -6.84 -3.68 -3.97
C ALA A 24 -6.45 -3.52 -2.50
N THR A 25 -5.21 -3.07 -2.28
CA THR A 25 -4.70 -2.98 -0.92
C THR A 25 -5.39 -2.01 0.01
N PHE A 26 -5.32 -0.73 -0.28
CA PHE A 26 -5.93 0.25 0.60
C PHE A 26 -7.36 -0.15 1.01
N PRO A 27 -8.24 -0.33 0.02
CA PRO A 27 -9.60 -0.71 0.44
C PRO A 27 -9.71 -1.93 1.35
N LEU A 28 -8.97 -2.98 1.04
CA LEU A 28 -9.04 -4.15 1.88
C LEU A 28 -8.46 -3.83 3.25
N GLN A 29 -7.41 -3.01 3.30
CA GLN A 29 -6.84 -2.65 4.59
C GLN A 29 -7.86 -1.85 5.39
N VAL A 30 -8.49 -0.90 4.71
CA VAL A 30 -9.51 -0.06 5.31
C VAL A 30 -10.62 -0.91 5.90
N LEU A 31 -10.96 -2.00 5.21
CA LEU A 31 -12.02 -2.89 5.67
C LEU A 31 -11.54 -3.94 6.67
N GLY A 32 -10.33 -3.73 7.20
CA GLY A 32 -9.79 -4.62 8.21
C GLY A 32 -9.12 -5.93 7.83
N PHE A 33 -8.77 -6.14 6.56
CA PHE A 33 -8.11 -7.38 6.23
C PHE A 33 -6.60 -7.28 6.32
N GLU A 34 -5.96 -8.41 6.61
CA GLU A 34 -4.50 -8.46 6.64
C GLU A 34 -4.10 -8.88 5.24
N ILE A 35 -4.06 -7.93 4.33
CA ILE A 35 -3.67 -8.26 2.97
C ILE A 35 -2.18 -8.05 2.80
N ASP A 36 -1.57 -9.08 2.22
CA ASP A 36 -0.17 -9.11 1.92
C ASP A 36 -0.10 -8.99 0.40
N ALA A 37 0.61 -7.98 -0.08
CA ALA A 37 0.73 -7.72 -1.50
C ALA A 37 2.03 -8.22 -2.12
N VAL A 38 1.91 -9.16 -3.04
CA VAL A 38 3.07 -9.67 -3.75
C VAL A 38 2.96 -8.87 -5.04
N ASN A 39 3.95 -8.01 -5.29
CA ASN A 39 3.90 -7.17 -6.49
C ASN A 39 4.44 -7.92 -7.69
N SER A 40 3.51 -8.39 -8.53
CA SER A 40 3.86 -9.16 -9.72
C SER A 40 4.75 -8.36 -10.67
N VAL A 41 4.65 -7.03 -10.62
CA VAL A 41 5.46 -6.13 -11.43
C VAL A 41 5.51 -4.80 -10.70
N GLN A 42 6.44 -3.94 -11.08
CA GLN A 42 6.54 -2.62 -10.49
C GLN A 42 6.79 -1.64 -11.62
N PHE A 43 5.76 -0.89 -11.98
CA PHE A 43 5.87 0.08 -13.05
C PHE A 43 5.67 1.49 -12.54
N SER A 44 6.09 2.46 -13.33
CA SER A 44 5.95 3.84 -12.91
C SER A 44 4.46 4.17 -12.84
N ASN A 45 3.69 3.59 -13.77
CA ASN A 45 2.25 3.82 -13.84
C ASN A 45 1.66 2.77 -14.77
N HIS A 46 0.35 2.78 -14.97
CA HIS A 46 -0.24 1.77 -15.85
C HIS A 46 0.01 2.06 -17.33
N THR A 47 -0.17 1.03 -18.16
CA THR A 47 0.08 1.13 -19.60
C THR A 47 -0.91 1.98 -20.38
N GLY A 48 -1.88 2.56 -19.69
CA GLY A 48 -2.85 3.39 -20.36
C GLY A 48 -2.25 4.75 -20.66
N TYR A 49 -1.08 5.04 -20.08
CA TYR A 49 -0.42 6.31 -20.33
C TYR A 49 0.44 6.25 -21.60
N ALA A 50 0.88 7.41 -22.06
CA ALA A 50 1.71 7.46 -23.25
C ALA A 50 2.98 6.65 -22.99
N HIS A 51 3.61 6.85 -21.84
CA HIS A 51 4.85 6.13 -21.51
C HIS A 51 4.73 5.30 -20.24
N TRP A 52 5.72 4.45 -20.01
CA TRP A 52 5.80 3.64 -18.82
C TRP A 52 7.04 2.79 -18.80
N LYS A 53 7.65 2.71 -17.63
CA LYS A 53 8.85 1.94 -17.41
C LYS A 53 8.65 1.10 -16.16
N GLY A 54 9.40 0.02 -16.04
CA GLY A 54 9.27 -0.81 -14.86
C GLY A 54 9.96 -2.15 -15.00
N GLN A 55 9.90 -2.94 -13.93
CA GLN A 55 10.50 -4.27 -13.90
C GLN A 55 9.43 -5.25 -13.46
N VAL A 56 9.55 -6.49 -13.91
CA VAL A 56 8.61 -7.53 -13.54
C VAL A 56 9.23 -8.43 -12.49
N LEU A 57 8.43 -9.40 -12.04
CA LEU A 57 8.84 -10.37 -11.06
C LEU A 57 8.70 -11.72 -11.79
N ASN A 58 9.81 -12.41 -12.03
CA ASN A 58 9.75 -13.70 -12.71
C ASN A 58 9.26 -14.82 -11.79
N SER A 59 8.86 -15.94 -12.39
CA SER A 59 8.33 -17.06 -11.64
C SER A 59 9.25 -17.59 -10.55
N ASP A 60 10.56 -17.46 -10.75
CA ASP A 60 11.49 -17.96 -9.74
C ASP A 60 11.50 -17.05 -8.51
N GLU A 61 11.36 -15.76 -8.75
CA GLU A 61 11.34 -14.79 -7.66
C GLU A 61 10.04 -14.92 -6.86
N LEU A 62 8.95 -15.21 -7.57
CA LEU A 62 7.67 -15.40 -6.91
C LEU A 62 7.86 -16.57 -5.95
N GLN A 63 8.40 -17.67 -6.47
CA GLN A 63 8.63 -18.86 -5.67
C GLN A 63 9.58 -18.57 -4.51
N GLU A 64 10.63 -17.82 -4.80
CA GLU A 64 11.59 -17.45 -3.77
C GLU A 64 10.78 -16.85 -2.62
N LEU A 65 9.99 -15.82 -2.95
CA LEU A 65 9.16 -15.12 -1.95
C LEU A 65 8.23 -16.07 -1.17
N TYR A 66 7.60 -17.02 -1.87
CA TYR A 66 6.72 -17.95 -1.18
C TYR A 66 7.51 -18.82 -0.21
N GLU A 67 8.72 -19.21 -0.60
CA GLU A 67 9.58 -20.07 0.24
C GLU A 67 9.94 -19.38 1.57
N GLY A 68 10.21 -18.08 1.49
CA GLY A 68 10.53 -17.35 2.70
C GLY A 68 9.33 -17.37 3.62
N LEU A 69 8.16 -17.18 3.04
CA LEU A 69 6.93 -17.20 3.82
C LEU A 69 6.74 -18.59 4.42
N ARG A 70 7.01 -19.63 3.62
CA ARG A 70 6.85 -21.00 4.10
C ARG A 70 7.76 -21.27 5.30
N LEU A 71 9.05 -20.96 5.14
CA LEU A 71 10.04 -21.15 6.20
C LEU A 71 9.60 -20.62 7.56
N ASN A 72 8.95 -19.45 7.58
CA ASN A 72 8.48 -18.85 8.83
C ASN A 72 7.09 -19.30 9.24
N ASN A 73 6.53 -20.23 8.48
CA ASN A 73 5.18 -20.74 8.75
C ASN A 73 4.14 -19.65 8.59
N MET A 74 4.32 -18.82 7.55
CA MET A 74 3.40 -17.73 7.28
C MET A 74 2.62 -18.05 6.02
N ASN A 75 2.69 -19.30 5.59
CA ASN A 75 2.00 -19.69 4.37
C ASN A 75 0.58 -20.20 4.66
N LYS A 76 -0.10 -19.54 5.61
CA LYS A 76 -1.46 -19.92 5.95
C LYS A 76 -2.35 -18.70 5.73
N TYR A 77 -3.07 -18.69 4.61
CA TYR A 77 -3.97 -17.58 4.28
C TYR A 77 -5.42 -18.00 4.21
N ASP A 78 -6.30 -17.02 4.29
CA ASP A 78 -7.74 -17.27 4.24
C ASP A 78 -8.26 -17.06 2.82
N TYR A 79 -7.63 -16.16 2.10
CA TYR A 79 -8.00 -15.87 0.72
C TYR A 79 -6.75 -15.64 -0.07
N VAL A 80 -6.90 -15.78 -1.38
CA VAL A 80 -5.81 -15.52 -2.31
C VAL A 80 -6.50 -14.71 -3.38
N LEU A 81 -5.85 -13.64 -3.81
CA LEU A 81 -6.43 -12.78 -4.82
C LEU A 81 -5.46 -12.58 -5.98
N THR A 82 -5.89 -12.93 -7.18
CA THR A 82 -5.02 -12.73 -8.34
C THR A 82 -5.75 -12.00 -9.45
N GLY A 83 -4.99 -11.26 -10.25
CA GLY A 83 -5.58 -10.54 -11.37
C GLY A 83 -4.66 -10.62 -12.57
N TYR A 84 -4.59 -9.55 -13.33
CA TYR A 84 -3.76 -9.48 -14.53
C TYR A 84 -2.35 -10.06 -14.46
N THR A 85 -2.03 -10.88 -15.44
CA THR A 85 -0.71 -11.49 -15.55
C THR A 85 -0.47 -11.68 -17.05
N ARG A 86 0.75 -11.43 -17.49
CA ARG A 86 1.06 -11.57 -18.89
C ARG A 86 1.93 -12.81 -19.11
N ASP A 87 2.56 -13.26 -18.05
CA ASP A 87 3.45 -14.41 -18.14
C ASP A 87 2.84 -15.75 -17.79
N LYS A 88 2.91 -16.68 -18.74
CA LYS A 88 2.39 -18.03 -18.56
C LYS A 88 3.14 -18.79 -17.47
N SER A 89 4.45 -18.56 -17.38
CA SER A 89 5.26 -19.23 -16.37
C SER A 89 4.81 -18.75 -14.97
N PHE A 90 4.56 -17.44 -14.86
CA PHE A 90 4.12 -16.82 -13.62
C PHE A 90 2.80 -17.42 -13.18
N LEU A 91 1.84 -17.50 -14.11
CA LEU A 91 0.53 -18.04 -13.79
C LEU A 91 0.64 -19.47 -13.25
N ALA A 92 1.44 -20.30 -13.92
CA ALA A 92 1.64 -21.68 -13.48
C ALA A 92 2.18 -21.73 -12.05
N MET A 93 3.12 -20.84 -11.74
CA MET A 93 3.71 -20.77 -10.40
C MET A 93 2.64 -20.36 -9.39
N VAL A 94 1.78 -19.43 -9.80
CA VAL A 94 0.69 -18.96 -8.95
C VAL A 94 -0.20 -20.15 -8.59
N VAL A 95 -0.49 -20.98 -9.58
CA VAL A 95 -1.32 -22.17 -9.37
C VAL A 95 -0.71 -23.14 -8.37
N ASP A 96 0.59 -23.39 -8.49
CA ASP A 96 1.23 -24.30 -7.55
C ASP A 96 1.06 -23.75 -6.13
N ILE A 97 1.19 -22.43 -5.99
CA ILE A 97 1.07 -21.78 -4.69
C ILE A 97 -0.33 -21.89 -4.07
N VAL A 98 -1.36 -21.64 -4.86
CA VAL A 98 -2.71 -21.72 -4.33
C VAL A 98 -3.01 -23.16 -3.92
N GLN A 99 -2.59 -24.12 -4.74
CA GLN A 99 -2.79 -25.54 -4.42
C GLN A 99 -2.18 -25.82 -3.06
N GLU A 100 -0.92 -25.46 -2.90
CA GLU A 100 -0.22 -25.65 -1.65
C GLU A 100 -0.92 -24.92 -0.50
N LEU A 101 -1.23 -23.64 -0.68
CA LEU A 101 -1.88 -22.89 0.37
C LEU A 101 -3.22 -23.52 0.68
N LYS A 102 -3.85 -24.13 -0.32
CA LYS A 102 -5.14 -24.80 -0.14
C LYS A 102 -5.02 -26.08 0.71
N GLN A 103 -3.89 -26.77 0.59
CA GLN A 103 -3.63 -27.98 1.37
C GLN A 103 -3.33 -27.54 2.79
N GLN A 104 -2.65 -26.40 2.92
CA GLN A 104 -2.33 -25.88 4.24
C GLN A 104 -3.62 -25.46 4.95
N ASN A 105 -4.58 -24.93 4.18
CA ASN A 105 -5.88 -24.50 4.74
C ASN A 105 -7.01 -24.65 3.74
N PRO A 106 -7.59 -25.85 3.66
CA PRO A 106 -8.69 -26.21 2.76
C PRO A 106 -9.83 -25.20 2.71
N ARG A 107 -9.99 -24.40 3.77
CA ARG A 107 -11.05 -23.39 3.82
C ARG A 107 -10.69 -22.16 2.96
N LEU A 108 -9.44 -22.08 2.54
CA LEU A 108 -9.00 -20.96 1.73
C LEU A 108 -9.92 -20.70 0.53
N VAL A 109 -10.27 -19.44 0.35
CA VAL A 109 -11.11 -19.01 -0.75
C VAL A 109 -10.22 -18.30 -1.77
N TYR A 110 -10.13 -18.85 -2.97
CA TYR A 110 -9.31 -18.25 -4.02
C TYR A 110 -10.17 -17.31 -4.90
N VAL A 111 -9.89 -16.02 -4.85
CA VAL A 111 -10.59 -15.04 -5.67
C VAL A 111 -9.77 -14.76 -6.94
N CYS A 112 -10.23 -15.28 -8.07
CA CYS A 112 -9.54 -15.13 -9.33
C CYS A 112 -10.19 -14.15 -10.31
N ASP A 113 -9.42 -13.17 -10.77
CA ASP A 113 -9.92 -12.22 -11.76
C ASP A 113 -9.16 -12.65 -13.02
N PRO A 114 -9.82 -13.45 -13.89
CA PRO A 114 -9.22 -13.96 -15.13
C PRO A 114 -9.08 -12.91 -16.20
N VAL A 115 -8.16 -11.97 -15.97
CA VAL A 115 -7.94 -10.89 -16.91
C VAL A 115 -7.33 -11.45 -18.19
N LEU A 116 -8.07 -11.30 -19.29
CA LEU A 116 -7.68 -11.79 -20.60
C LEU A 116 -7.86 -10.73 -21.70
N GLY A 117 -8.91 -9.94 -21.58
CA GLY A 117 -9.18 -8.91 -22.56
C GLY A 117 -10.48 -8.18 -22.29
N ASP A 118 -10.98 -7.48 -23.31
CA ASP A 118 -12.24 -6.72 -23.19
C ASP A 118 -12.82 -6.41 -24.56
N LYS A 119 -14.09 -5.98 -24.57
CA LYS A 119 -14.75 -5.61 -25.81
C LYS A 119 -14.83 -4.09 -25.78
N TRP A 120 -14.49 -3.43 -26.88
CA TRP A 120 -14.61 -1.99 -26.85
C TRP A 120 -16.00 -1.58 -27.33
N ASP A 121 -16.20 -1.66 -28.64
CA ASP A 121 -17.48 -1.31 -29.26
C ASP A 121 -18.49 -2.45 -29.24
N GLY A 122 -17.97 -3.67 -29.25
CA GLY A 122 -18.80 -4.86 -29.26
C GLY A 122 -17.90 -5.96 -29.79
N GLU A 123 -16.66 -5.56 -30.06
CA GLU A 123 -15.64 -6.47 -30.56
C GLU A 123 -14.65 -6.68 -29.43
N GLY A 124 -14.27 -7.92 -29.20
CA GLY A 124 -13.32 -8.17 -28.14
C GLY A 124 -11.93 -8.41 -28.67
N SER A 125 -10.93 -8.05 -27.88
CA SER A 125 -9.54 -8.27 -28.24
C SER A 125 -8.78 -8.56 -26.96
N MET A 126 -8.04 -9.67 -26.96
CA MET A 126 -7.26 -10.06 -25.80
C MET A 126 -6.07 -9.13 -25.65
N TYR A 127 -5.68 -8.85 -24.42
CA TYR A 127 -4.50 -8.03 -24.24
C TYR A 127 -3.50 -8.81 -23.39
N VAL A 128 -3.55 -10.11 -23.59
CA VAL A 128 -2.67 -11.06 -22.94
C VAL A 128 -2.38 -12.15 -23.99
N PRO A 129 -1.16 -12.72 -23.98
CA PRO A 129 -0.84 -13.76 -24.95
C PRO A 129 -1.88 -14.86 -24.91
N GLU A 130 -2.16 -15.47 -26.05
CA GLU A 130 -3.16 -16.53 -26.11
C GLU A 130 -2.87 -17.79 -25.29
N ASP A 131 -1.60 -18.21 -25.27
CA ASP A 131 -1.22 -19.42 -24.52
C ASP A 131 -1.70 -19.41 -23.07
N LEU A 132 -2.19 -18.25 -22.61
CA LEU A 132 -2.66 -18.14 -21.23
C LEU A 132 -4.06 -18.72 -21.04
N LEU A 133 -4.92 -18.53 -22.04
CA LEU A 133 -6.29 -19.01 -21.97
C LEU A 133 -6.43 -20.46 -21.52
N PRO A 134 -5.66 -21.39 -22.11
CA PRO A 134 -5.73 -22.81 -21.73
C PRO A 134 -5.34 -23.02 -20.26
N VAL A 135 -4.31 -22.32 -19.82
CA VAL A 135 -3.87 -22.43 -18.44
C VAL A 135 -5.03 -22.03 -17.55
N TYR A 136 -5.63 -20.90 -17.87
CA TYR A 136 -6.78 -20.38 -17.14
C TYR A 136 -7.95 -21.38 -17.13
N LYS A 137 -8.27 -21.91 -18.31
CA LYS A 137 -9.37 -22.88 -18.43
C LYS A 137 -9.08 -24.19 -17.74
N GLU A 138 -7.85 -24.66 -17.89
CA GLU A 138 -7.46 -25.96 -17.34
C GLU A 138 -6.80 -26.00 -15.97
N LYS A 139 -6.17 -24.91 -15.56
CA LYS A 139 -5.48 -24.91 -14.27
C LYS A 139 -5.97 -23.91 -13.23
N VAL A 140 -6.22 -22.68 -13.65
CA VAL A 140 -6.65 -21.63 -12.72
C VAL A 140 -8.10 -21.67 -12.27
N VAL A 141 -9.04 -21.54 -13.21
CA VAL A 141 -10.46 -21.55 -12.86
C VAL A 141 -10.89 -22.73 -11.98
N PRO A 142 -10.48 -23.97 -12.33
CA PRO A 142 -10.89 -25.12 -11.51
C PRO A 142 -10.52 -24.95 -10.03
N LEU A 143 -9.41 -24.26 -9.76
CA LEU A 143 -8.97 -24.02 -8.39
C LEU A 143 -9.70 -22.83 -7.75
N ALA A 144 -10.15 -21.92 -8.60
CA ALA A 144 -10.85 -20.72 -8.15
C ALA A 144 -12.18 -20.99 -7.47
N ASP A 145 -12.46 -20.22 -6.43
CA ASP A 145 -13.72 -20.37 -5.71
C ASP A 145 -14.66 -19.24 -6.13
N ILE A 146 -14.07 -18.09 -6.43
CA ILE A 146 -14.81 -16.93 -6.87
C ILE A 146 -14.12 -16.32 -8.11
N ILE A 147 -14.87 -16.09 -9.19
CA ILE A 147 -14.25 -15.50 -10.37
C ILE A 147 -15.06 -14.31 -10.82
N THR A 148 -14.35 -13.32 -11.33
CA THR A 148 -14.95 -12.07 -11.75
C THR A 148 -14.61 -11.68 -13.18
N PRO A 149 -15.05 -12.45 -14.18
CA PRO A 149 -14.70 -12.01 -15.53
C PRO A 149 -15.69 -10.97 -16.05
N ASN A 150 -15.25 -10.20 -17.04
CA ASN A 150 -16.16 -9.24 -17.65
C ASN A 150 -16.86 -10.14 -18.68
N GLN A 151 -17.69 -9.58 -19.55
CA GLN A 151 -18.38 -10.43 -20.54
C GLN A 151 -17.41 -11.19 -21.46
N PHE A 152 -16.52 -10.45 -22.10
CA PHE A 152 -15.55 -11.05 -23.02
C PHE A 152 -14.78 -12.23 -22.43
N GLU A 153 -14.27 -12.07 -21.22
CA GLU A 153 -13.50 -13.10 -20.55
C GLU A 153 -14.37 -14.33 -20.26
N ALA A 154 -15.65 -14.10 -19.99
CA ALA A 154 -16.56 -15.21 -19.72
C ALA A 154 -16.83 -15.99 -21.02
N GLU A 155 -16.78 -15.29 -22.15
CA GLU A 155 -17.01 -15.92 -23.44
C GLU A 155 -15.79 -16.78 -23.77
N LEU A 156 -14.61 -16.18 -23.76
CA LEU A 156 -13.38 -16.90 -24.04
C LEU A 156 -13.26 -18.19 -23.21
N LEU A 157 -13.53 -18.08 -21.91
CA LEU A 157 -13.45 -19.19 -20.97
C LEU A 157 -14.41 -20.35 -21.20
N SER A 158 -15.52 -20.08 -21.87
CA SER A 158 -16.52 -21.11 -22.09
C SER A 158 -16.62 -21.53 -23.53
N GLY A 159 -16.08 -20.70 -24.42
CA GLY A 159 -16.13 -21.00 -25.83
C GLY A 159 -17.38 -20.52 -26.55
N ARG A 160 -18.36 -19.98 -25.82
CA ARG A 160 -19.57 -19.50 -26.49
C ARG A 160 -19.92 -18.03 -26.27
N LYS A 161 -20.41 -17.39 -27.32
CA LYS A 161 -20.78 -15.99 -27.25
C LYS A 161 -21.99 -15.79 -26.37
N ILE A 162 -22.05 -14.61 -25.74
CA ILE A 162 -23.16 -14.27 -24.86
C ILE A 162 -23.96 -13.13 -25.50
N HIS A 163 -25.10 -13.47 -26.11
CA HIS A 163 -25.93 -12.46 -26.78
C HIS A 163 -27.01 -11.89 -25.87
N SER A 164 -27.50 -12.68 -24.93
CA SER A 164 -28.57 -12.23 -24.02
C SER A 164 -28.25 -12.49 -22.57
N GLN A 165 -29.19 -12.16 -21.70
CA GLN A 165 -29.05 -12.40 -20.27
C GLN A 165 -29.11 -13.91 -19.99
N GLU A 166 -30.04 -14.59 -20.64
CA GLU A 166 -30.20 -16.03 -20.42
C GLU A 166 -29.00 -16.81 -20.95
N GLU A 167 -28.41 -16.36 -22.07
CA GLU A 167 -27.22 -17.02 -22.61
C GLU A 167 -26.09 -16.81 -21.62
N ALA A 168 -26.05 -15.62 -21.03
CA ALA A 168 -25.04 -15.24 -20.04
C ALA A 168 -25.12 -16.16 -18.82
N LEU A 169 -26.34 -16.41 -18.36
CA LEU A 169 -26.56 -17.28 -17.22
C LEU A 169 -26.21 -18.71 -17.57
N ARG A 170 -26.32 -19.09 -18.83
CA ARG A 170 -25.95 -20.45 -19.20
C ARG A 170 -24.44 -20.55 -19.14
N VAL A 171 -23.76 -19.52 -19.65
CA VAL A 171 -22.31 -19.51 -19.63
C VAL A 171 -21.78 -19.54 -18.21
N MET A 172 -22.50 -18.91 -17.30
CA MET A 172 -22.05 -18.91 -15.92
C MET A 172 -22.17 -20.32 -15.34
N ASP A 173 -23.24 -21.01 -15.73
CA ASP A 173 -23.46 -22.38 -15.28
C ASP A 173 -22.27 -23.24 -15.67
N MET A 174 -21.80 -23.06 -16.90
CA MET A 174 -20.62 -23.76 -17.40
C MET A 174 -19.40 -23.48 -16.53
N LEU A 175 -19.16 -22.21 -16.23
CA LEU A 175 -18.03 -21.84 -15.39
C LEU A 175 -18.21 -22.46 -14.01
N HIS A 176 -19.44 -22.47 -13.50
CA HIS A 176 -19.68 -23.11 -12.18
C HIS A 176 -19.20 -24.56 -12.17
N SER A 177 -19.53 -25.28 -13.24
CA SER A 177 -19.14 -26.68 -13.34
C SER A 177 -17.63 -26.81 -13.51
N MET A 178 -16.99 -25.75 -13.98
CA MET A 178 -15.54 -25.78 -14.15
C MET A 178 -14.89 -25.72 -12.77
N GLY A 179 -15.67 -25.32 -11.77
CA GLY A 179 -15.12 -25.26 -10.43
C GLY A 179 -15.63 -24.20 -9.49
N PRO A 180 -15.54 -22.91 -9.87
CA PRO A 180 -16.01 -21.86 -8.95
C PRO A 180 -17.47 -21.83 -8.57
N ASP A 181 -17.72 -21.71 -7.26
CA ASP A 181 -19.07 -21.63 -6.75
C ASP A 181 -19.66 -20.21 -6.84
N THR A 182 -18.83 -19.22 -7.13
CA THR A 182 -19.32 -17.84 -7.25
C THR A 182 -18.81 -17.21 -8.52
N VAL A 183 -19.73 -16.88 -9.42
CA VAL A 183 -19.37 -16.27 -10.68
C VAL A 183 -20.05 -14.93 -10.82
N VAL A 184 -19.28 -13.94 -11.24
CA VAL A 184 -19.81 -12.62 -11.41
C VAL A 184 -19.26 -11.94 -12.63
N ILE A 185 -20.15 -11.62 -13.56
CA ILE A 185 -19.75 -10.92 -14.76
C ILE A 185 -19.78 -9.43 -14.41
N THR A 186 -18.60 -8.84 -14.38
CA THR A 186 -18.44 -7.45 -14.01
C THR A 186 -18.80 -6.38 -15.05
N SER A 187 -19.18 -6.78 -16.24
CA SER A 187 -19.59 -5.81 -17.24
C SER A 187 -20.03 -6.55 -18.47
N SER A 188 -21.00 -5.99 -19.17
CA SER A 188 -21.53 -6.62 -20.35
C SER A 188 -22.25 -5.62 -21.25
N ASP A 189 -22.31 -5.94 -22.53
CA ASP A 189 -22.98 -5.13 -23.54
C ASP A 189 -24.48 -5.38 -23.48
N LEU A 190 -24.90 -6.26 -22.59
CA LEU A 190 -26.32 -6.58 -22.49
C LEU A 190 -27.16 -5.31 -22.41
N PRO A 191 -28.38 -5.34 -22.98
CA PRO A 191 -29.30 -4.20 -22.97
C PRO A 191 -29.99 -4.02 -21.63
N SER A 192 -30.30 -2.78 -21.29
CA SER A 192 -31.00 -2.49 -20.05
C SER A 192 -32.29 -1.77 -20.33
N PRO A 193 -33.34 -2.07 -19.56
CA PRO A 193 -34.60 -1.36 -19.80
C PRO A 193 -34.51 0.09 -19.33
N GLN A 194 -33.46 0.42 -18.59
CA GLN A 194 -33.24 1.76 -18.05
C GLN A 194 -32.72 2.73 -19.11
N GLY A 195 -32.20 2.22 -20.21
CA GLY A 195 -31.65 3.09 -21.24
C GLY A 195 -30.38 2.54 -21.87
N SER A 196 -29.85 3.23 -22.87
CA SER A 196 -28.64 2.78 -23.52
C SER A 196 -27.40 3.12 -22.69
N ASN A 197 -27.56 4.11 -21.82
CA ASN A 197 -26.46 4.55 -20.97
C ASN A 197 -26.25 3.63 -19.77
N TYR A 198 -26.30 2.32 -20.01
CA TYR A 198 -26.09 1.33 -18.94
C TYR A 198 -25.27 0.11 -19.34
N LEU A 199 -24.54 -0.41 -18.36
CA LEU A 199 -23.76 -1.62 -18.55
C LEU A 199 -24.34 -2.55 -17.51
N ILE A 200 -24.46 -3.83 -17.84
CA ILE A 200 -25.04 -4.80 -16.91
C ILE A 200 -24.05 -5.72 -16.22
N VAL A 201 -24.34 -6.01 -14.95
CA VAL A 201 -23.54 -6.88 -14.11
C VAL A 201 -24.43 -8.07 -13.77
N LEU A 202 -23.88 -9.27 -13.85
CA LEU A 202 -24.64 -10.46 -13.52
C LEU A 202 -23.83 -11.30 -12.53
N GLY A 203 -24.53 -11.89 -11.59
CA GLY A 203 -23.85 -12.71 -10.59
C GLY A 203 -24.62 -13.96 -10.24
N SER A 204 -23.88 -15.06 -10.05
CA SER A 204 -24.47 -16.35 -9.72
C SER A 204 -23.63 -17.04 -8.66
N GLN A 205 -24.30 -17.61 -7.67
CA GLN A 205 -23.59 -18.27 -6.58
C GLN A 205 -24.22 -19.62 -6.25
N ARG A 206 -23.38 -20.63 -6.12
CA ARG A 206 -23.81 -21.98 -5.80
C ARG A 206 -23.45 -22.29 -4.35
N ARG A 207 -24.46 -22.45 -3.50
CA ARG A 207 -24.24 -22.77 -2.09
C ARG A 207 -25.29 -23.76 -1.57
N ARG A 208 -24.81 -24.89 -1.03
CA ARG A 208 -25.69 -25.95 -0.52
C ARG A 208 -26.55 -25.60 0.68
N ASN A 209 -27.66 -26.33 0.82
CA ASN A 209 -28.60 -26.15 1.90
C ASN A 209 -29.62 -27.29 1.81
N PRO A 210 -30.38 -27.30 0.81
N VAL A 214 -29.06 -28.57 -2.90
CA VAL A 214 -28.22 -27.41 -3.28
C VAL A 214 -29.04 -26.21 -3.76
N VAL A 215 -28.73 -25.03 -3.23
CA VAL A 215 -29.45 -23.82 -3.59
C VAL A 215 -28.65 -22.87 -4.47
N MET A 216 -29.32 -22.23 -5.41
CA MET A 216 -28.67 -21.31 -6.34
C MET A 216 -29.20 -19.88 -6.17
N GLU A 217 -28.32 -18.89 -6.32
CA GLU A 217 -28.72 -17.48 -6.22
C GLU A 217 -28.19 -16.70 -7.43
N ARG A 218 -29.07 -15.98 -8.10
CA ARG A 218 -28.70 -15.21 -9.28
C ARG A 218 -29.22 -13.78 -9.16
N ILE A 219 -28.36 -12.81 -9.44
CA ILE A 219 -28.73 -11.41 -9.35
C ILE A 219 -28.33 -10.60 -10.57
N ARG A 220 -29.02 -9.48 -10.78
CA ARG A 220 -28.77 -8.58 -11.91
C ARG A 220 -28.65 -7.14 -11.38
N MET A 221 -27.82 -6.35 -12.04
CA MET A 221 -27.67 -4.96 -11.66
C MET A 221 -27.44 -4.14 -12.89
N ASP A 222 -28.13 -3.01 -12.95
CA ASP A 222 -28.01 -2.10 -14.08
C ASP A 222 -27.31 -0.84 -13.61
N ILE A 223 -26.03 -0.74 -13.97
CA ILE A 223 -25.18 0.38 -13.59
C ILE A 223 -25.17 1.49 -14.63
N ARG A 224 -25.35 2.72 -14.17
CA ARG A 224 -25.35 3.86 -15.07
C ARG A 224 -23.93 4.15 -15.59
N LYS A 225 -23.74 4.06 -16.90
CA LYS A 225 -22.43 4.32 -17.51
C LYS A 225 -21.90 5.75 -17.36
N VAL A 226 -20.58 5.86 -17.19
CA VAL A 226 -19.90 7.16 -17.06
C VAL A 226 -19.06 7.41 -18.31
N ASP A 227 -19.06 8.65 -18.77
CA ASP A 227 -18.37 9.07 -19.99
C ASP A 227 -16.95 8.56 -20.31
N ALA A 228 -16.07 8.48 -19.32
CA ALA A 228 -14.71 8.04 -19.61
C ALA A 228 -14.33 6.60 -19.34
N VAL A 229 -13.06 6.32 -19.61
CA VAL A 229 -12.45 5.01 -19.44
C VAL A 229 -11.58 5.00 -18.17
N PHE A 230 -11.87 4.08 -17.26
CA PHE A 230 -11.11 3.96 -16.02
C PHE A 230 -10.16 2.77 -16.04
N VAL A 231 -9.23 2.77 -15.10
CA VAL A 231 -8.26 1.69 -14.96
C VAL A 231 -8.10 1.34 -13.49
N GLY A 232 -8.33 0.08 -13.15
CA GLY A 232 -8.20 -0.35 -11.77
C GLY A 232 -9.55 -0.75 -11.20
N THR A 233 -10.61 -0.30 -11.85
CA THR A 233 -11.97 -0.63 -11.45
C THR A 233 -12.23 -2.13 -11.45
N GLY A 234 -11.71 -2.86 -12.42
CA GLY A 234 -11.92 -4.30 -12.41
C GLY A 234 -11.26 -4.94 -11.18
N ASN A 235 -10.03 -4.50 -10.91
CA ASN A 235 -9.28 -5.03 -9.77
C ASN A 235 -10.02 -4.65 -8.48
N LEU A 236 -10.49 -3.42 -8.39
CA LEU A 236 -11.21 -2.93 -7.21
C LEU A 236 -12.50 -3.70 -7.00
N PHE A 237 -13.20 -4.00 -8.10
CA PHE A 237 -14.44 -4.79 -8.05
C PHE A 237 -14.11 -6.17 -7.44
N ALA A 238 -13.02 -6.79 -7.89
CA ALA A 238 -12.64 -8.11 -7.35
C ALA A 238 -12.35 -8.09 -5.87
N ALA A 239 -11.55 -7.12 -5.43
CA ALA A 239 -11.17 -7.04 -4.02
C ALA A 239 -12.36 -6.74 -3.13
N MET A 240 -13.26 -5.85 -3.59
CA MET A 240 -14.43 -5.51 -2.77
C MET A 240 -15.40 -6.67 -2.77
N LEU A 241 -15.45 -7.44 -3.86
CA LEU A 241 -16.33 -8.59 -3.86
C LEU A 241 -15.81 -9.51 -2.75
N LEU A 242 -14.50 -9.73 -2.75
CA LEU A 242 -13.87 -10.56 -1.72
C LEU A 242 -14.34 -10.05 -0.35
N ALA A 243 -14.16 -8.77 -0.10
CA ALA A 243 -14.53 -8.18 1.18
C ALA A 243 -15.98 -8.38 1.59
N TRP A 244 -16.90 -8.07 0.68
CA TRP A 244 -18.31 -8.18 1.00
C TRP A 244 -18.94 -9.57 1.00
N THR A 245 -18.38 -10.49 0.21
CA THR A 245 -18.90 -11.86 0.23
C THR A 245 -18.40 -12.49 1.52
N HIS A 246 -17.36 -11.89 2.10
CA HIS A 246 -16.78 -12.38 3.35
C HIS A 246 -17.67 -11.98 4.54
N LYS A 247 -18.13 -10.73 4.54
CA LYS A 247 -19.00 -10.22 5.60
C LYS A 247 -20.43 -10.70 5.37
N HIS A 248 -20.74 -11.01 4.11
CA HIS A 248 -22.08 -11.46 3.74
C HIS A 248 -22.05 -12.75 2.95
N PRO A 249 -21.59 -13.84 3.57
CA PRO A 249 -21.58 -15.10 2.80
C PRO A 249 -23.04 -15.52 2.74
N ASN A 250 -23.44 -16.15 1.64
CA ASN A 250 -24.82 -16.58 1.44
C ASN A 250 -25.71 -15.35 1.21
N ASN A 251 -25.17 -14.34 0.51
CA ASN A 251 -25.91 -13.14 0.18
C ASN A 251 -25.26 -12.40 -0.96
N LEU A 252 -25.19 -13.05 -2.10
CA LEU A 252 -24.59 -12.46 -3.27
C LEU A 252 -25.23 -11.11 -3.55
N LYS A 253 -26.52 -10.99 -3.22
CA LYS A 253 -27.28 -9.78 -3.46
C LYS A 253 -26.63 -8.58 -2.82
N VAL A 254 -26.59 -8.59 -1.49
CA VAL A 254 -26.01 -7.49 -0.77
C VAL A 254 -24.52 -7.34 -1.06
N ALA A 255 -23.79 -8.45 -1.13
CA ALA A 255 -22.38 -8.37 -1.39
C ALA A 255 -22.12 -7.63 -2.71
N CYS A 256 -22.95 -7.88 -3.73
CA CYS A 256 -22.77 -7.19 -5.00
C CYS A 256 -23.26 -5.75 -4.94
N GLU A 257 -24.20 -5.48 -4.03
CA GLU A 257 -24.72 -4.13 -3.94
C GLU A 257 -23.69 -3.22 -3.29
N LYS A 258 -23.09 -3.71 -2.21
CA LYS A 258 -22.07 -2.91 -1.54
C LYS A 258 -20.86 -2.78 -2.47
N THR A 259 -20.49 -3.88 -3.13
CA THR A 259 -19.35 -3.84 -4.05
C THR A 259 -19.63 -2.75 -5.07
N VAL A 260 -20.73 -2.88 -5.81
CA VAL A 260 -21.08 -1.91 -6.84
C VAL A 260 -21.29 -0.47 -6.32
N SER A 261 -21.90 -0.32 -5.14
CA SER A 261 -22.09 1.03 -4.64
C SER A 261 -20.74 1.66 -4.33
N THR A 262 -19.79 0.86 -3.86
CA THR A 262 -18.45 1.37 -3.56
C THR A 262 -17.86 1.95 -4.85
N LEU A 263 -17.94 1.19 -5.93
CA LEU A 263 -17.40 1.64 -7.19
C LEU A 263 -18.08 2.93 -7.66
N HIS A 264 -19.39 2.99 -7.50
CA HIS A 264 -20.14 4.17 -7.90
C HIS A 264 -19.53 5.43 -7.26
N HIS A 265 -19.50 5.48 -5.94
CA HIS A 265 -18.95 6.61 -5.20
C HIS A 265 -17.54 6.99 -5.66
N VAL A 266 -16.67 6.00 -5.75
CA VAL A 266 -15.31 6.22 -6.17
C VAL A 266 -15.27 6.85 -7.56
N LEU A 267 -15.99 6.27 -8.51
CA LEU A 267 -15.98 6.81 -9.86
C LEU A 267 -16.61 8.20 -9.93
N GLN A 268 -17.63 8.42 -9.11
CA GLN A 268 -18.30 9.70 -9.06
C GLN A 268 -17.30 10.74 -8.63
N ARG A 269 -16.66 10.48 -7.49
CA ARG A 269 -15.67 11.40 -6.98
C ARG A 269 -14.57 11.57 -8.03
N THR A 270 -14.19 10.48 -8.68
CA THR A 270 -13.14 10.56 -9.70
C THR A 270 -13.54 11.38 -10.92
N ILE A 271 -14.71 11.12 -11.50
CA ILE A 271 -15.12 11.86 -12.69
C ILE A 271 -15.25 13.35 -12.40
N GLN A 272 -15.74 13.70 -11.22
CA GLN A 272 -15.88 15.12 -10.87
C GLN A 272 -14.50 15.80 -10.85
N CYS A 273 -13.65 15.44 -9.89
CA CYS A 273 -12.33 16.04 -9.82
C CYS A 273 -11.60 15.95 -11.17
N ALA A 274 -11.89 14.90 -11.94
CA ALA A 274 -11.26 14.73 -13.24
C ALA A 274 -11.69 15.84 -14.20
N LYS A 275 -13.00 16.07 -14.29
CA LYS A 275 -13.53 17.11 -15.16
C LYS A 275 -13.14 18.50 -14.65
N ALA A 276 -13.07 18.67 -13.33
CA ALA A 276 -12.70 19.95 -12.74
C ALA A 276 -11.28 20.33 -13.18
N GLN A 277 -10.34 19.41 -13.04
CA GLN A 277 -8.95 19.65 -13.45
C GLN A 277 -8.88 19.87 -14.95
N ALA A 278 -9.38 18.91 -15.72
CA ALA A 278 -9.37 19.02 -17.17
C ALA A 278 -10.17 20.26 -17.52
N GLY A 279 -9.83 20.92 -18.61
CA GLY A 279 -10.58 22.11 -18.99
C GLY A 279 -12.02 21.71 -19.27
N GLU A 280 -12.98 22.35 -18.60
CA GLU A 280 -14.39 22.02 -18.85
C GLU A 280 -14.63 21.93 -20.34
N GLY A 281 -15.22 20.82 -20.78
CA GLY A 281 -15.48 20.63 -22.19
C GLY A 281 -14.44 19.72 -22.78
N VAL A 282 -13.35 19.51 -22.05
CA VAL A 282 -12.27 18.65 -22.52
C VAL A 282 -12.29 17.27 -21.88
N ARG A 283 -11.95 16.26 -22.67
CA ARG A 283 -11.90 14.88 -22.21
C ARG A 283 -10.75 14.77 -21.20
N PRO A 284 -11.02 14.25 -20.00
CA PRO A 284 -9.97 14.11 -19.00
C PRO A 284 -8.91 13.11 -19.43
N SER A 285 -7.67 13.38 -19.07
CA SER A 285 -6.58 12.49 -19.43
C SER A 285 -6.53 11.28 -18.50
N PRO A 286 -5.73 10.28 -18.85
CA PRO A 286 -5.63 9.09 -18.00
C PRO A 286 -5.15 9.48 -16.61
N MET A 287 -4.26 10.48 -16.57
CA MET A 287 -3.70 10.96 -15.30
C MET A 287 -4.77 11.53 -14.39
N GLN A 288 -5.64 12.36 -14.96
CA GLN A 288 -6.71 13.00 -14.20
C GLN A 288 -7.80 12.00 -13.85
N LEU A 289 -7.82 10.88 -14.56
CA LEU A 289 -8.81 9.82 -14.36
C LEU A 289 -8.45 8.71 -13.37
N GLU A 290 -7.31 8.86 -12.68
CA GLU A 290 -6.84 7.88 -11.69
C GLU A 290 -7.85 7.87 -10.56
N LEU A 291 -8.22 6.69 -10.10
CA LEU A 291 -9.20 6.58 -9.02
C LEU A 291 -8.88 7.41 -7.78
N ARG A 292 -9.88 8.13 -7.27
CA ARG A 292 -9.68 8.90 -6.05
C ARG A 292 -9.89 7.90 -4.92
N MET A 293 -8.94 6.98 -4.80
CA MET A 293 -8.96 5.93 -3.79
C MET A 293 -8.93 6.46 -2.37
N VAL A 294 -7.85 7.15 -2.04
CA VAL A 294 -7.65 7.74 -0.73
C VAL A 294 -8.80 8.63 -0.28
N GLN A 295 -9.34 9.43 -1.19
CA GLN A 295 -10.43 10.31 -0.85
C GLN A 295 -11.79 9.61 -0.68
N SER A 296 -11.84 8.33 -1.05
CA SER A 296 -13.07 7.52 -0.97
C SER A 296 -13.14 6.62 0.25
N LYS A 297 -12.21 6.81 1.19
CA LYS A 297 -12.11 6.03 2.39
C LYS A 297 -13.45 5.73 3.08
N ARG A 298 -14.21 6.78 3.41
CA ARG A 298 -15.51 6.57 4.08
C ARG A 298 -16.49 5.78 3.24
N ASP A 299 -16.45 5.96 1.92
CA ASP A 299 -17.36 5.26 1.03
C ASP A 299 -17.00 3.78 0.97
N ILE A 300 -15.74 3.48 1.25
CA ILE A 300 -15.29 2.10 1.24
C ILE A 300 -15.66 1.42 2.56
N GLU A 301 -15.54 2.16 3.66
CA GLU A 301 -15.85 1.63 4.98
C GLU A 301 -17.32 1.24 5.08
N ASP A 302 -18.19 2.11 4.55
CA ASP A 302 -19.63 1.89 4.60
C ASP A 302 -20.29 2.57 3.40
N PRO A 303 -20.31 1.86 2.27
CA PRO A 303 -20.91 2.42 1.05
C PRO A 303 -22.43 2.55 1.15
N GLU A 304 -22.94 3.75 0.83
CA GLU A 304 -24.38 3.97 0.83
C GLU A 304 -24.90 3.24 -0.40
N ILE A 305 -25.83 2.31 -0.21
CA ILE A 305 -26.39 1.51 -1.31
C ILE A 305 -27.18 2.36 -2.28
N VAL A 306 -26.73 2.44 -3.52
CA VAL A 306 -27.43 3.24 -4.51
C VAL A 306 -27.81 2.47 -5.77
N VAL A 307 -27.67 1.14 -5.73
CA VAL A 307 -28.04 0.29 -6.87
C VAL A 307 -28.59 -1.03 -6.35
N GLN A 308 -29.91 -1.16 -6.37
CA GLN A 308 -30.55 -2.37 -5.92
C GLN A 308 -30.40 -3.45 -6.99
N ALA A 309 -30.07 -4.65 -6.55
CA ALA A 309 -29.91 -5.78 -7.46
C ALA A 309 -31.21 -6.57 -7.50
N THR A 310 -31.60 -7.00 -8.69
CA THR A 310 -32.82 -7.77 -8.85
C THR A 310 -32.47 -9.27 -8.87
N VAL A 311 -33.25 -10.06 -8.14
CA VAL A 311 -33.06 -11.50 -8.07
C VAL A 311 -33.57 -12.11 -9.37
N LEU A 312 -32.91 -13.14 -9.87
CA LEU A 312 -33.34 -13.78 -11.10
C LEU A 312 -33.84 -15.20 -10.83
N GLU B 4 -4.63 18.30 -2.93
CA GLU B 4 -3.85 17.02 -3.03
C GLU B 4 -2.40 17.20 -2.56
N CYS B 5 -1.98 16.33 -1.65
CA CYS B 5 -0.63 16.39 -1.12
C CYS B 5 0.07 15.09 -1.54
N ARG B 6 1.02 15.21 -2.48
CA ARG B 6 1.71 14.05 -3.00
C ARG B 6 3.07 13.73 -2.37
N VAL B 7 3.19 12.49 -1.90
CA VAL B 7 4.40 12.01 -1.28
C VAL B 7 5.04 10.87 -2.07
N LEU B 8 6.35 10.98 -2.28
CA LEU B 8 7.06 9.92 -2.98
C LEU B 8 7.82 9.20 -1.90
N SER B 9 7.45 7.96 -1.64
CA SER B 9 8.11 7.21 -0.60
C SER B 9 8.88 6.04 -1.14
N ILE B 10 10.20 6.13 -1.02
CA ILE B 10 11.11 5.11 -1.51
C ILE B 10 11.64 4.32 -0.33
N GLN B 11 11.10 3.12 -0.13
CA GLN B 11 11.51 2.32 1.00
C GLN B 11 11.26 0.88 0.69
N SER B 12 11.58 0.04 1.67
CA SER B 12 11.42 -1.40 1.58
C SER B 12 9.97 -1.91 1.56
N HIS B 13 9.75 -3.01 0.86
CA HIS B 13 8.43 -3.64 0.86
C HIS B 13 8.59 -5.09 1.33
N VAL B 14 7.60 -5.57 2.09
CA VAL B 14 7.62 -6.93 2.55
C VAL B 14 6.25 -7.47 2.23
N ILE B 15 6.18 -8.78 2.03
CA ILE B 15 4.92 -9.43 1.73
C ILE B 15 4.11 -9.44 3.02
N ARG B 16 4.70 -10.06 4.04
CA ARG B 16 4.12 -10.16 5.36
C ARG B 16 4.75 -9.13 6.30
N GLY B 17 3.93 -8.54 7.15
CA GLY B 17 4.41 -7.57 8.13
C GLY B 17 4.37 -6.10 7.74
N TYR B 18 4.82 -5.26 8.66
CA TYR B 18 4.81 -3.83 8.44
C TYR B 18 6.12 -3.09 8.76
N VAL B 19 6.95 -2.88 7.76
CA VAL B 19 8.19 -2.14 7.93
C VAL B 19 8.36 -1.37 6.64
N GLY B 20 9.31 -0.46 6.61
CA GLY B 20 9.49 0.32 5.41
C GLY B 20 8.17 0.87 4.91
N ASN B 21 8.01 0.81 3.59
CA ASN B 21 6.82 1.30 2.88
C ASN B 21 5.53 0.66 3.34
N ARG B 22 5.61 -0.54 3.91
CA ARG B 22 4.41 -1.18 4.40
C ARG B 22 3.96 -0.49 5.68
N ALA B 23 4.91 0.08 6.41
CA ALA B 23 4.55 0.78 7.66
C ALA B 23 4.18 2.23 7.42
N ALA B 24 4.69 2.82 6.34
CA ALA B 24 4.41 4.21 6.07
C ALA B 24 3.23 4.50 5.15
N THR B 25 2.80 3.51 4.38
CA THR B 25 1.75 3.77 3.40
C THR B 25 0.32 3.81 3.88
N PHE B 26 -0.13 2.72 4.49
CA PHE B 26 -1.51 2.71 4.97
C PHE B 26 -1.85 3.90 5.87
N PRO B 27 -1.00 4.20 6.86
CA PRO B 27 -1.27 5.32 7.77
C PRO B 27 -1.37 6.66 7.04
N LEU B 28 -0.41 6.93 6.15
CA LEU B 28 -0.47 8.17 5.39
C LEU B 28 -1.69 8.21 4.48
N GLN B 29 -2.05 7.06 3.91
CA GLN B 29 -3.21 7.00 3.03
C GLN B 29 -4.45 7.27 3.86
N VAL B 30 -4.53 6.63 5.01
CA VAL B 30 -5.65 6.83 5.91
C VAL B 30 -5.80 8.32 6.19
N LEU B 31 -4.66 9.01 6.33
CA LEU B 31 -4.67 10.45 6.62
C LEU B 31 -4.88 11.38 5.41
N GLY B 32 -5.21 10.81 4.26
CA GLY B 32 -5.45 11.66 3.10
C GLY B 32 -4.31 11.98 2.17
N PHE B 33 -3.13 11.42 2.40
CA PHE B 33 -2.03 11.75 1.51
C PHE B 33 -2.04 10.84 0.30
N GLU B 34 -1.64 11.40 -0.84
CA GLU B 34 -1.51 10.62 -2.08
C GLU B 34 -0.07 10.12 -1.99
N ILE B 35 0.13 9.02 -1.27
CA ILE B 35 1.48 8.52 -1.14
C ILE B 35 1.80 7.49 -2.21
N ASP B 36 2.81 7.79 -3.00
CA ASP B 36 3.25 6.90 -4.06
C ASP B 36 4.46 6.16 -3.53
N ALA B 37 4.37 4.83 -3.54
CA ALA B 37 5.44 3.99 -3.02
C ALA B 37 6.39 3.39 -4.04
N VAL B 38 7.68 3.65 -3.87
CA VAL B 38 8.69 3.07 -4.74
C VAL B 38 9.35 2.04 -3.84
N ASN B 39 9.15 0.77 -4.16
CA ASN B 39 9.70 -0.30 -3.36
C ASN B 39 11.17 -0.61 -3.64
N SER B 40 12.02 -0.24 -2.68
CA SER B 40 13.46 -0.45 -2.80
C SER B 40 13.85 -1.94 -2.72
N VAL B 41 13.02 -2.75 -2.07
CA VAL B 41 13.26 -4.19 -2.00
C VAL B 41 11.91 -4.86 -1.82
N GLN B 42 11.84 -6.15 -2.10
CA GLN B 42 10.61 -6.91 -1.92
C GLN B 42 11.01 -8.22 -1.29
N PHE B 43 10.88 -8.29 0.02
CA PHE B 43 11.24 -9.48 0.77
C PHE B 43 9.97 -10.15 1.24
N SER B 44 10.10 -11.36 1.75
CA SER B 44 8.93 -12.08 2.23
C SER B 44 8.51 -11.53 3.58
N ASN B 45 9.49 -10.94 4.26
CA ASN B 45 9.27 -10.40 5.59
C ASN B 45 10.54 -9.68 6.01
N HIS B 46 10.51 -8.98 7.13
CA HIS B 46 11.72 -8.27 7.54
C HIS B 46 12.82 -9.23 8.00
N THR B 47 14.06 -8.77 7.91
CA THR B 47 15.24 -9.54 8.25
C THR B 47 15.44 -9.92 9.72
N GLY B 48 14.48 -9.55 10.57
CA GLY B 48 14.60 -9.91 11.97
C GLY B 48 14.03 -11.31 12.21
N TYR B 49 13.40 -11.88 11.18
CA TYR B 49 12.83 -13.22 11.27
C TYR B 49 13.92 -14.25 11.05
N ALA B 50 13.68 -15.46 11.55
CA ALA B 50 14.62 -16.55 11.39
C ALA B 50 15.05 -16.64 9.93
N HIS B 51 14.09 -16.47 9.01
CA HIS B 51 14.36 -16.53 7.56
C HIS B 51 13.76 -15.36 6.81
N TRP B 52 14.19 -15.22 5.56
CA TRP B 52 13.71 -14.19 4.66
C TRP B 52 14.35 -14.31 3.28
N LYS B 53 13.54 -14.19 2.24
CA LYS B 53 14.02 -14.27 0.87
C LYS B 53 13.43 -13.05 0.17
N GLY B 54 14.01 -12.69 -0.97
CA GLY B 54 13.51 -11.55 -1.69
C GLY B 54 14.52 -10.99 -2.66
N GLN B 55 14.10 -9.95 -3.38
CA GLN B 55 14.95 -9.29 -4.37
C GLN B 55 15.06 -7.82 -4.00
N VAL B 56 16.02 -7.13 -4.61
CA VAL B 56 16.19 -5.71 -4.31
C VAL B 56 16.17 -4.90 -5.59
N LEU B 57 15.91 -3.62 -5.42
CA LEU B 57 15.87 -2.69 -6.53
C LEU B 57 17.24 -2.00 -6.54
N ASN B 58 17.88 -1.98 -7.70
CA ASN B 58 19.19 -1.33 -7.77
C ASN B 58 19.03 0.05 -8.42
N SER B 59 20.03 0.91 -8.19
CA SER B 59 20.06 2.27 -8.73
C SER B 59 19.57 2.48 -10.17
N ASP B 60 19.92 1.55 -11.06
CA ASP B 60 19.53 1.67 -12.47
C ASP B 60 18.03 1.52 -12.70
N GLU B 61 17.44 0.58 -11.99
CA GLU B 61 16.01 0.31 -12.13
C GLU B 61 15.21 1.42 -11.45
N LEU B 62 15.81 2.04 -10.43
CA LEU B 62 15.17 3.13 -9.73
C LEU B 62 15.11 4.29 -10.72
N GLN B 63 16.23 4.50 -11.39
CA GLN B 63 16.32 5.56 -12.35
C GLN B 63 15.29 5.34 -13.45
N GLU B 64 15.14 4.09 -13.88
CA GLU B 64 14.17 3.79 -14.94
C GLU B 64 12.78 4.11 -14.43
N LEU B 65 12.47 3.64 -13.23
CA LEU B 65 11.16 3.93 -12.64
C LEU B 65 10.95 5.44 -12.56
N TYR B 66 12.00 6.19 -12.22
CA TYR B 66 11.90 7.63 -12.17
C TYR B 66 11.65 8.19 -13.59
N GLU B 67 12.34 7.60 -14.56
CA GLU B 67 12.24 8.03 -15.95
C GLU B 67 10.81 7.97 -16.43
N GLY B 68 10.09 6.94 -16.00
CA GLY B 68 8.70 6.76 -16.38
C GLY B 68 7.84 7.90 -15.89
N LEU B 69 8.02 8.28 -14.64
CA LEU B 69 7.23 9.37 -14.08
C LEU B 69 7.54 10.65 -14.87
N ARG B 70 8.83 10.87 -15.08
CA ARG B 70 9.36 12.03 -15.78
C ARG B 70 8.76 12.18 -17.19
N LEU B 71 8.79 11.11 -17.97
CA LEU B 71 8.25 11.15 -19.31
C LEU B 71 6.78 11.54 -19.31
N ASN B 72 6.02 11.07 -18.32
CA ASN B 72 4.62 11.41 -18.24
C ASN B 72 4.39 12.68 -17.46
N ASN B 73 5.48 13.37 -17.13
CA ASN B 73 5.42 14.62 -16.39
C ASN B 73 4.67 14.47 -15.06
N MET B 74 4.98 13.39 -14.34
CA MET B 74 4.37 13.10 -13.04
C MET B 74 5.39 13.23 -11.91
N ASN B 75 6.44 13.99 -12.15
CA ASN B 75 7.49 14.19 -11.15
C ASN B 75 7.28 15.53 -10.44
N LYS B 76 6.11 15.67 -9.85
CA LYS B 76 5.76 16.88 -9.13
C LYS B 76 5.21 16.39 -7.80
N TYR B 77 6.05 16.46 -6.78
CA TYR B 77 5.68 16.01 -5.46
C TYR B 77 5.81 17.10 -4.43
N ASP B 78 5.08 16.93 -3.34
CA ASP B 78 5.11 17.89 -2.25
C ASP B 78 6.07 17.42 -1.16
N TYR B 79 6.22 16.10 -1.04
CA TYR B 79 7.11 15.48 -0.07
C TYR B 79 7.84 14.26 -0.66
N VAL B 80 9.04 14.00 -0.18
CA VAL B 80 9.76 12.80 -0.57
C VAL B 80 10.09 12.18 0.76
N LEU B 81 10.00 10.87 0.83
CA LEU B 81 10.25 10.16 2.08
C LEU B 81 11.16 8.95 1.85
N THR B 82 12.26 8.87 2.60
CA THR B 82 13.19 7.75 2.48
C THR B 82 13.56 7.20 3.85
N GLY B 83 14.09 5.98 3.87
CA GLY B 83 14.47 5.35 5.13
C GLY B 83 15.62 4.39 4.92
N TYR B 84 15.51 3.19 5.47
CA TYR B 84 16.56 2.18 5.32
C TYR B 84 17.00 2.00 3.87
N THR B 85 18.26 2.33 3.60
CA THR B 85 18.86 2.19 2.27
C THR B 85 20.12 1.37 2.49
N ARG B 86 20.32 0.35 1.67
CA ARG B 86 21.46 -0.55 1.86
C ARG B 86 22.65 -0.29 0.96
N ASP B 87 22.38 0.21 -0.23
CA ASP B 87 23.42 0.46 -1.20
C ASP B 87 23.74 1.93 -1.47
N LYS B 88 25.03 2.23 -1.47
CA LYS B 88 25.55 3.56 -1.71
C LYS B 88 25.12 4.13 -3.06
N SER B 89 25.16 3.33 -4.14
CA SER B 89 24.76 3.86 -5.46
C SER B 89 23.26 4.13 -5.56
N PHE B 90 22.50 3.46 -4.70
CA PHE B 90 21.06 3.65 -4.65
C PHE B 90 20.79 4.99 -3.97
N LEU B 91 21.40 5.18 -2.81
CA LEU B 91 21.28 6.42 -2.04
C LEU B 91 21.70 7.59 -2.91
N ALA B 92 22.77 7.43 -3.66
CA ALA B 92 23.24 8.51 -4.52
C ALA B 92 22.22 8.75 -5.63
N MET B 93 21.42 7.73 -5.95
CA MET B 93 20.40 7.89 -6.97
C MET B 93 19.23 8.59 -6.31
N VAL B 94 18.90 8.16 -5.08
CA VAL B 94 17.81 8.79 -4.35
C VAL B 94 18.13 10.28 -4.25
N VAL B 95 19.40 10.59 -4.02
CA VAL B 95 19.81 11.99 -3.89
C VAL B 95 19.59 12.82 -5.15
N ASP B 96 19.96 12.28 -6.32
CA ASP B 96 19.78 13.00 -7.57
C ASP B 96 18.31 13.21 -7.84
N ILE B 97 17.52 12.19 -7.52
CA ILE B 97 16.10 12.25 -7.74
C ILE B 97 15.48 13.39 -6.96
N VAL B 98 15.81 13.46 -5.67
CA VAL B 98 15.29 14.49 -4.80
C VAL B 98 15.72 15.86 -5.28
N GLN B 99 16.96 15.93 -5.73
CA GLN B 99 17.51 17.17 -6.20
C GLN B 99 16.68 17.70 -7.34
N GLU B 100 16.27 16.82 -8.25
CA GLU B 100 15.47 17.29 -9.37
C GLU B 100 14.02 17.55 -8.99
N LEU B 101 13.50 16.79 -8.04
CA LEU B 101 12.13 17.01 -7.61
C LEU B 101 12.05 18.38 -6.99
N LYS B 102 13.13 18.78 -6.30
CA LYS B 102 13.21 20.09 -5.67
C LYS B 102 13.31 21.19 -6.71
N GLN B 103 13.94 20.90 -7.85
CA GLN B 103 14.07 21.91 -8.91
C GLN B 103 12.70 22.09 -9.52
N GLN B 104 11.94 21.00 -9.55
CA GLN B 104 10.60 20.98 -10.10
C GLN B 104 9.61 21.71 -9.18
N ASN B 105 9.87 21.66 -7.88
CA ASN B 105 8.99 22.29 -6.88
C ASN B 105 9.81 22.66 -5.66
N PRO B 106 10.32 23.89 -5.64
CA PRO B 106 11.14 24.41 -4.55
C PRO B 106 10.53 24.24 -3.17
N ARG B 107 9.21 24.10 -3.11
CA ARG B 107 8.55 23.95 -1.82
C ARG B 107 8.53 22.50 -1.35
N LEU B 108 9.19 21.61 -2.09
CA LEU B 108 9.21 20.22 -1.69
C LEU B 108 9.94 20.02 -0.36
N VAL B 109 9.32 19.23 0.50
CA VAL B 109 9.85 18.90 1.79
C VAL B 109 10.36 17.46 1.76
N TYR B 110 11.65 17.30 1.93
CA TYR B 110 12.25 15.97 1.92
C TYR B 110 12.37 15.50 3.36
N VAL B 111 11.56 14.51 3.72
CA VAL B 111 11.63 13.95 5.08
C VAL B 111 12.58 12.76 4.99
N CYS B 112 13.73 12.87 5.67
CA CYS B 112 14.71 11.80 5.60
C CYS B 112 15.04 11.10 6.89
N ASP B 113 14.73 9.80 6.94
CA ASP B 113 15.06 8.99 8.12
C ASP B 113 16.39 8.32 7.80
N PRO B 114 17.50 8.92 8.27
CA PRO B 114 18.87 8.43 8.05
C PRO B 114 19.19 7.13 8.78
N VAL B 115 18.71 6.01 8.24
CA VAL B 115 18.93 4.71 8.87
C VAL B 115 20.39 4.28 8.78
N LEU B 116 21.04 4.19 9.93
CA LEU B 116 22.45 3.83 9.98
C LEU B 116 22.70 2.70 10.97
N GLY B 117 21.99 2.72 12.10
CA GLY B 117 22.20 1.69 13.09
C GLY B 117 21.45 1.99 14.36
N ASP B 118 21.89 1.39 15.46
CA ASP B 118 21.20 1.62 16.70
C ASP B 118 22.02 1.08 17.84
N LYS B 119 21.66 1.46 19.06
CA LYS B 119 22.34 1.00 20.25
C LYS B 119 21.57 -0.20 20.75
N TRP B 120 22.26 -1.30 21.00
CA TRP B 120 21.57 -2.47 21.51
C TRP B 120 21.97 -2.68 22.97
N ASP B 121 23.19 -3.16 23.16
CA ASP B 121 23.74 -3.37 24.49
C ASP B 121 23.63 -2.04 25.22
N GLY B 122 24.80 -1.43 25.32
CA GLY B 122 24.98 -0.13 25.90
C GLY B 122 25.81 0.43 24.76
N GLU B 123 26.23 -0.50 23.87
CA GLU B 123 27.02 -0.19 22.70
C GLU B 123 26.15 -0.08 21.44
N GLY B 124 26.67 0.66 20.46
CA GLY B 124 25.96 0.83 19.21
C GLY B 124 26.73 0.23 18.04
N SER B 125 26.02 -0.15 16.99
CA SER B 125 26.66 -0.75 15.84
C SER B 125 25.86 -0.46 14.58
N MET B 126 26.55 -0.29 13.47
CA MET B 126 25.91 -0.01 12.20
C MET B 126 25.33 -1.23 11.51
N TYR B 127 24.26 -1.01 10.76
CA TYR B 127 23.67 -2.10 10.00
C TYR B 127 23.41 -1.75 8.54
N VAL B 128 24.34 -0.98 7.96
CA VAL B 128 24.31 -0.59 6.55
C VAL B 128 25.79 -0.36 6.20
N PRO B 129 26.16 -0.41 4.92
CA PRO B 129 27.57 -0.17 4.56
C PRO B 129 28.15 1.14 5.08
N GLU B 130 29.26 1.06 5.81
CA GLU B 130 29.89 2.25 6.35
C GLU B 130 30.15 3.34 5.32
N ASP B 131 30.25 2.96 4.04
CA ASP B 131 30.50 3.98 3.02
C ASP B 131 29.26 4.79 2.70
N LEU B 132 28.24 4.62 3.54
CA LEU B 132 26.99 5.33 3.38
C LEU B 132 27.06 6.62 4.20
N LEU B 133 27.70 6.52 5.36
CA LEU B 133 27.83 7.63 6.29
C LEU B 133 28.28 8.93 5.65
N PRO B 134 29.33 8.88 4.82
CA PRO B 134 29.79 10.12 4.18
C PRO B 134 28.76 10.66 3.20
N VAL B 135 28.03 9.76 2.55
CA VAL B 135 27.02 10.16 1.57
C VAL B 135 25.88 10.94 2.26
N TYR B 136 25.44 10.41 3.41
CA TYR B 136 24.40 11.04 4.21
C TYR B 136 24.85 12.41 4.69
N LYS B 137 26.09 12.49 5.17
CA LYS B 137 26.66 13.73 5.67
C LYS B 137 26.83 14.79 4.60
N GLU B 138 27.35 14.38 3.46
CA GLU B 138 27.62 15.36 2.44
C GLU B 138 26.56 15.56 1.39
N LYS B 139 25.71 14.55 1.17
CA LYS B 139 24.69 14.72 0.14
C LYS B 139 23.25 14.68 0.62
N VAL B 140 22.93 13.75 1.51
CA VAL B 140 21.55 13.60 1.97
C VAL B 140 21.06 14.62 2.98
N VAL B 141 21.67 14.66 4.16
CA VAL B 141 21.25 15.57 5.19
C VAL B 141 21.17 17.01 4.66
N PRO B 142 22.13 17.41 3.83
CA PRO B 142 22.08 18.79 3.29
C PRO B 142 20.79 19.09 2.52
N LEU B 143 20.21 18.05 1.93
CA LEU B 143 18.97 18.19 1.15
C LEU B 143 17.73 17.97 2.01
N ALA B 144 17.90 17.24 3.10
CA ALA B 144 16.78 16.93 3.98
C ALA B 144 16.21 18.17 4.64
N ASP B 145 14.90 18.17 4.87
CA ASP B 145 14.25 19.29 5.53
C ASP B 145 13.84 18.82 6.92
N ILE B 146 13.50 17.53 7.03
CA ILE B 146 13.14 16.93 8.30
C ILE B 146 13.89 15.61 8.41
N ILE B 147 14.69 15.43 9.46
CA ILE B 147 15.42 14.18 9.63
C ILE B 147 15.00 13.55 10.94
N THR B 148 14.94 12.23 10.98
CA THR B 148 14.51 11.52 12.19
C THR B 148 15.52 10.52 12.71
N PRO B 149 16.78 10.92 12.91
CA PRO B 149 17.76 9.96 13.42
C PRO B 149 17.50 9.51 14.87
N ASN B 150 17.96 8.31 15.22
CA ASN B 150 17.85 7.86 16.61
C ASN B 150 19.14 8.43 17.24
N GLN B 151 19.40 8.12 18.50
CA GLN B 151 20.60 8.67 19.13
C GLN B 151 21.91 8.29 18.44
N PHE B 152 22.08 7.00 18.19
CA PHE B 152 23.28 6.49 17.56
C PHE B 152 23.53 7.20 16.22
N GLU B 153 22.47 7.40 15.44
CA GLU B 153 22.60 8.03 14.14
C GLU B 153 22.93 9.51 14.26
N ALA B 154 22.39 10.17 15.29
CA ALA B 154 22.67 11.59 15.49
C ALA B 154 24.14 11.75 15.86
N GLU B 155 24.71 10.70 16.45
CA GLU B 155 26.12 10.71 16.83
C GLU B 155 26.97 10.48 15.59
N LEU B 156 26.58 9.52 14.75
CA LEU B 156 27.33 9.25 13.54
C LEU B 156 27.36 10.44 12.59
N LEU B 157 26.22 11.10 12.45
CA LEU B 157 26.13 12.26 11.55
C LEU B 157 26.87 13.49 12.09
N SER B 158 26.90 13.63 13.42
CA SER B 158 27.58 14.76 14.05
C SER B 158 29.02 14.48 14.41
N GLY B 159 29.39 13.20 14.48
CA GLY B 159 30.74 12.84 14.83
C GLY B 159 30.94 13.27 16.27
N ARG B 160 29.88 13.15 17.03
CA ARG B 160 29.88 13.56 18.42
C ARG B 160 29.10 12.55 19.21
N LYS B 161 29.49 12.32 20.44
CA LYS B 161 28.75 11.37 21.24
C LYS B 161 27.82 12.14 22.14
N ILE B 162 26.65 11.58 22.38
CA ILE B 162 25.68 12.22 23.24
C ILE B 162 25.58 11.51 24.57
N HIS B 163 25.90 12.21 25.65
CA HIS B 163 25.83 11.63 26.99
C HIS B 163 24.78 12.29 27.85
N SER B 164 24.39 13.51 27.50
CA SER B 164 23.40 14.24 28.28
C SER B 164 22.43 14.95 27.37
N GLN B 165 21.39 15.52 27.96
CA GLN B 165 20.40 16.24 27.18
C GLN B 165 21.06 17.41 26.46
N GLU B 166 21.97 18.10 27.15
CA GLU B 166 22.63 19.24 26.54
C GLU B 166 23.54 18.89 25.37
N GLU B 167 24.15 17.71 25.36
CA GLU B 167 24.98 17.36 24.21
C GLU B 167 24.04 17.00 23.06
N ALA B 168 22.85 16.52 23.38
CA ALA B 168 21.88 16.16 22.35
C ALA B 168 21.52 17.44 21.62
N LEU B 169 21.12 18.46 22.37
CA LEU B 169 20.78 19.76 21.76
C LEU B 169 21.93 20.34 20.95
N ARG B 170 23.14 20.24 21.48
CA ARG B 170 24.31 20.74 20.77
C ARG B 170 24.40 19.97 19.44
N VAL B 171 24.20 18.65 19.51
CA VAL B 171 24.26 17.85 18.30
C VAL B 171 23.13 18.26 17.37
N MET B 172 21.93 18.47 17.91
CA MET B 172 20.83 18.87 17.07
C MET B 172 21.09 20.20 16.34
N ASP B 173 21.79 21.12 17.00
CA ASP B 173 22.11 22.40 16.35
C ASP B 173 23.06 22.08 15.20
N MET B 174 24.01 21.18 15.44
CA MET B 174 24.97 20.78 14.40
C MET B 174 24.19 20.21 13.23
N LEU B 175 23.19 19.40 13.53
CA LEU B 175 22.39 18.81 12.48
C LEU B 175 21.64 19.88 11.67
N HIS B 176 21.11 20.91 12.34
CA HIS B 176 20.42 22.00 11.63
C HIS B 176 21.34 22.75 10.68
N SER B 177 22.58 22.94 11.13
CA SER B 177 23.55 23.67 10.34
C SER B 177 23.94 22.85 9.12
N MET B 178 23.75 21.53 9.19
CA MET B 178 24.06 20.67 8.04
C MET B 178 22.96 20.79 7.01
N GLY B 179 21.73 21.06 7.45
CA GLY B 179 20.64 21.20 6.51
C GLY B 179 19.20 21.27 7.00
N PRO B 180 18.64 20.16 7.50
CA PRO B 180 17.26 20.18 7.96
C PRO B 180 16.85 21.23 8.98
N ASP B 181 15.67 21.84 8.77
CA ASP B 181 15.13 22.81 9.70
C ASP B 181 14.40 22.09 10.83
N THR B 182 14.17 20.79 10.65
CA THR B 182 13.50 20.00 11.67
C THR B 182 14.36 18.75 11.92
N VAL B 183 14.72 18.56 13.18
CA VAL B 183 15.52 17.41 13.58
C VAL B 183 14.84 16.77 14.78
N VAL B 184 14.47 15.50 14.66
CA VAL B 184 13.88 14.81 15.79
C VAL B 184 14.71 13.57 16.06
N ILE B 185 15.15 13.42 17.30
CA ILE B 185 15.92 12.26 17.73
C ILE B 185 14.82 11.34 18.21
N THR B 186 14.62 10.25 17.48
CA THR B 186 13.52 9.34 17.75
C THR B 186 13.61 8.39 18.93
N SER B 187 14.79 8.28 19.52
CA SER B 187 15.01 7.43 20.70
C SER B 187 16.44 7.57 21.17
N SER B 188 16.63 7.55 22.48
CA SER B 188 17.96 7.69 23.08
C SER B 188 17.85 7.12 24.48
N ASP B 189 18.95 6.70 25.09
CA ASP B 189 18.86 6.16 26.45
C ASP B 189 18.62 7.30 27.44
N LEU B 190 19.51 8.29 27.44
CA LEU B 190 19.44 9.47 28.31
C LEU B 190 18.66 9.37 29.64
N PRO B 191 19.11 10.11 30.66
CA PRO B 191 18.38 10.02 31.92
C PRO B 191 16.94 10.54 31.91
N SER B 192 16.05 9.83 32.59
CA SER B 192 14.66 10.25 32.68
C SER B 192 14.22 10.35 34.12
N PRO B 193 13.66 11.51 34.51
CA PRO B 193 13.19 11.74 35.87
C PRO B 193 12.14 10.72 36.28
N GLN B 194 11.60 9.98 35.32
CA GLN B 194 10.57 9.01 35.60
C GLN B 194 11.02 7.54 35.74
N GLY B 195 12.32 7.30 35.71
CA GLY B 195 12.78 5.93 35.87
C GLY B 195 13.79 5.49 34.83
N SER B 196 14.22 4.24 34.97
CA SER B 196 15.19 3.68 34.03
C SER B 196 14.53 3.17 32.75
N ASN B 197 13.30 2.68 32.85
CA ASN B 197 12.60 2.16 31.68
C ASN B 197 11.93 3.24 30.85
N TYR B 198 12.69 4.26 30.47
CA TYR B 198 12.16 5.33 29.67
C TYR B 198 13.17 5.73 28.60
N LEU B 199 12.72 5.74 27.35
CA LEU B 199 13.58 6.15 26.25
C LEU B 199 13.19 7.62 26.04
N ILE B 200 14.11 8.39 25.49
CA ILE B 200 13.87 9.80 25.31
C ILE B 200 13.76 10.26 23.87
N VAL B 201 12.76 11.11 23.63
CA VAL B 201 12.55 11.69 22.31
C VAL B 201 12.83 13.18 22.45
N LEU B 202 13.57 13.73 21.49
CA LEU B 202 13.91 15.15 21.49
C LEU B 202 13.61 15.78 20.15
N GLY B 203 12.95 16.93 20.18
CA GLY B 203 12.64 17.60 18.94
C GLY B 203 13.09 19.04 18.88
N SER B 204 13.54 19.43 17.69
CA SER B 204 14.02 20.77 17.45
C SER B 204 13.59 21.22 16.05
N GLN B 205 12.87 22.34 15.97
CA GLN B 205 12.42 22.87 14.68
C GLN B 205 12.73 24.36 14.54
N ARG B 206 13.42 24.72 13.46
CA ARG B 206 13.74 26.11 13.19
C ARG B 206 12.82 26.56 12.06
N ARG B 207 12.27 27.74 12.22
CA ARG B 207 11.38 28.29 11.23
C ARG B 207 11.28 29.80 11.32
N ARG B 208 10.87 30.42 10.22
CA ARG B 208 10.70 31.85 10.15
C ARG B 208 9.23 32.10 10.46
N ASN B 209 8.94 33.01 11.40
CA ASN B 209 7.55 33.31 11.73
C ASN B 209 7.13 34.49 10.89
N PRO B 210 5.81 34.75 10.77
CA PRO B 210 5.28 35.87 9.98
C PRO B 210 6.16 37.13 9.93
N ALA B 211 6.52 37.66 11.09
CA ALA B 211 7.35 38.86 11.15
C ALA B 211 8.65 38.71 10.35
N GLY B 212 9.15 37.48 10.27
CA GLY B 212 10.37 37.25 9.53
C GLY B 212 11.54 36.87 10.42
N SER B 213 11.26 36.73 11.72
CA SER B 213 12.30 36.36 12.66
C SER B 213 12.52 34.86 12.59
N VAL B 214 13.76 34.42 12.53
CA VAL B 214 14.06 32.98 12.50
C VAL B 214 14.10 32.45 13.94
N VAL B 215 13.09 31.68 14.34
CA VAL B 215 13.06 31.12 15.69
C VAL B 215 13.16 29.59 15.72
N MET B 216 13.25 29.04 16.93
CA MET B 216 13.39 27.60 17.12
C MET B 216 12.56 27.03 18.26
N GLU B 217 11.81 25.97 17.97
CA GLU B 217 11.01 25.30 19.00
C GLU B 217 11.75 24.02 19.43
N ARG B 218 11.79 23.76 20.73
CA ARG B 218 12.46 22.57 21.26
C ARG B 218 11.54 21.82 22.20
N ILE B 219 11.41 20.51 21.99
CA ILE B 219 10.55 19.71 22.85
C ILE B 219 11.25 18.44 23.33
N ARG B 220 10.72 17.87 24.40
CA ARG B 220 11.27 16.65 24.97
C ARG B 220 10.09 15.78 25.35
N MET B 221 10.27 14.46 25.24
CA MET B 221 9.25 13.49 25.61
C MET B 221 9.90 12.26 26.22
N ASP B 222 9.32 11.80 27.32
CA ASP B 222 9.83 10.64 28.03
C ASP B 222 8.81 9.50 27.87
N ILE B 223 9.16 8.54 27.01
CA ILE B 223 8.29 7.40 26.73
C ILE B 223 8.61 6.18 27.55
N ARG B 224 7.58 5.56 28.12
CA ARG B 224 7.81 4.36 28.91
C ARG B 224 8.25 3.25 27.96
N LYS B 225 9.38 2.62 28.27
CA LYS B 225 9.89 1.54 27.45
C LYS B 225 9.08 0.26 27.64
N VAL B 226 8.73 -0.38 26.53
CA VAL B 226 7.99 -1.63 26.57
C VAL B 226 9.01 -2.75 26.38
N ASP B 227 8.75 -3.89 27.00
CA ASP B 227 9.66 -5.03 26.93
C ASP B 227 9.44 -5.93 25.72
N ALA B 228 10.04 -5.55 24.60
CA ALA B 228 9.93 -6.26 23.32
C ALA B 228 10.62 -5.42 22.28
N VAL B 229 10.94 -6.04 21.15
CA VAL B 229 11.56 -5.34 20.04
C VAL B 229 10.61 -5.28 18.84
N PHE B 230 10.38 -4.07 18.38
CA PHE B 230 9.51 -3.84 17.25
C PHE B 230 10.34 -3.43 16.04
N VAL B 231 9.85 -3.74 14.86
CA VAL B 231 10.53 -3.35 13.64
C VAL B 231 9.46 -2.60 12.84
N GLY B 232 9.86 -1.51 12.21
CA GLY B 232 8.93 -0.71 11.45
C GLY B 232 8.44 0.54 12.17
N THR B 233 8.64 0.60 13.49
CA THR B 233 8.18 1.75 14.27
C THR B 233 8.97 3.01 13.97
N GLY B 234 10.21 2.85 13.54
CA GLY B 234 11.02 4.01 13.21
C GLY B 234 10.43 4.62 11.96
N ASN B 235 10.10 3.75 11.01
CA ASN B 235 9.52 4.14 9.73
C ASN B 235 8.16 4.79 9.96
N LEU B 236 7.40 4.24 10.90
CA LEU B 236 6.09 4.76 11.21
C LEU B 236 6.22 6.14 11.83
N PHE B 237 7.21 6.31 12.69
CA PHE B 237 7.46 7.57 13.38
C PHE B 237 7.73 8.67 12.34
N ALA B 238 8.63 8.39 11.41
CA ALA B 238 8.95 9.36 10.38
C ALA B 238 7.69 9.69 9.56
N ALA B 239 6.96 8.65 9.16
CA ALA B 239 5.76 8.82 8.35
C ALA B 239 4.75 9.74 9.00
N MET B 240 4.50 9.51 10.27
CA MET B 240 3.55 10.32 11.02
C MET B 240 4.10 11.68 11.35
N LEU B 241 5.42 11.81 11.36
CA LEU B 241 6.03 13.09 11.65
C LEU B 241 5.71 13.98 10.47
N LEU B 242 5.91 13.41 9.28
CA LEU B 242 5.64 14.10 8.03
C LEU B 242 4.20 14.59 8.05
N ALA B 243 3.30 13.66 8.26
CA ALA B 243 1.89 13.93 8.27
C ALA B 243 1.41 14.96 9.31
N TRP B 244 1.93 14.90 10.54
CA TRP B 244 1.50 15.83 11.57
C TRP B 244 2.21 17.19 11.56
N THR B 245 3.40 17.28 10.96
CA THR B 245 4.01 18.60 10.90
C THR B 245 3.38 19.27 9.70
N HIS B 246 2.74 18.49 8.84
CA HIS B 246 2.07 19.04 7.66
C HIS B 246 0.81 19.78 8.12
N LYS B 247 0.15 19.22 9.13
CA LYS B 247 -1.07 19.82 9.66
C LYS B 247 -0.79 20.93 10.68
N HIS B 248 0.30 20.78 11.41
CA HIS B 248 0.72 21.74 12.44
C HIS B 248 2.14 22.17 12.10
N PRO B 249 2.32 22.92 11.02
CA PRO B 249 3.66 23.34 10.62
C PRO B 249 4.42 24.24 11.57
N ASN B 250 3.73 25.03 12.35
CA ASN B 250 4.43 25.92 13.26
C ASN B 250 4.21 25.46 14.67
N ASN B 251 4.20 24.14 14.84
CA ASN B 251 3.99 23.64 16.17
C ASN B 251 4.56 22.24 16.36
N LEU B 252 5.86 22.17 16.64
CA LEU B 252 6.52 20.90 16.83
C LEU B 252 5.94 20.10 18.00
N LYS B 253 5.58 20.80 19.06
CA LYS B 253 5.03 20.14 20.24
C LYS B 253 3.85 19.23 19.89
N VAL B 254 2.82 19.83 19.30
CA VAL B 254 1.62 19.09 18.89
C VAL B 254 1.87 18.00 17.85
N ALA B 255 2.75 18.29 16.88
CA ALA B 255 3.06 17.31 15.85
C ALA B 255 3.65 16.07 16.48
N CYS B 256 4.62 16.29 17.36
CA CYS B 256 5.29 15.20 18.04
C CYS B 256 4.37 14.46 18.99
N GLU B 257 3.60 15.20 19.78
CA GLU B 257 2.69 14.54 20.73
C GLU B 257 1.74 13.62 19.98
N LYS B 258 1.29 14.06 18.81
CA LYS B 258 0.40 13.25 17.98
C LYS B 258 1.15 12.08 17.37
N THR B 259 2.37 12.34 16.89
CA THR B 259 3.18 11.28 16.28
C THR B 259 3.52 10.17 17.28
N VAL B 260 4.03 10.57 18.42
CA VAL B 260 4.41 9.64 19.48
C VAL B 260 3.16 8.95 20.04
N SER B 261 2.06 9.68 20.15
CA SER B 261 0.84 9.10 20.69
C SER B 261 0.29 8.01 19.79
N THR B 262 0.46 8.16 18.48
CA THR B 262 -0.02 7.15 17.56
C THR B 262 0.82 5.89 17.76
N LEU B 263 2.15 6.05 17.82
CA LEU B 263 3.03 4.91 18.04
C LEU B 263 2.57 4.14 19.27
N HIS B 264 2.26 4.89 20.32
CA HIS B 264 1.80 4.31 21.57
C HIS B 264 0.59 3.41 21.35
N HIS B 265 -0.48 4.00 20.81
CA HIS B 265 -1.72 3.27 20.56
C HIS B 265 -1.44 2.03 19.74
N VAL B 266 -0.71 2.20 18.65
CA VAL B 266 -0.37 1.07 17.83
C VAL B 266 0.39 0.04 18.68
N LEU B 267 1.41 0.48 19.40
CA LEU B 267 2.21 -0.43 20.20
C LEU B 267 1.41 -1.11 21.31
N GLN B 268 0.49 -0.39 21.92
CA GLN B 268 -0.31 -0.98 22.97
C GLN B 268 -1.10 -2.15 22.37
N ARG B 269 -1.91 -1.86 21.36
CA ARG B 269 -2.71 -2.89 20.71
C ARG B 269 -1.86 -4.07 20.20
N THR B 270 -0.62 -3.78 19.82
CA THR B 270 0.26 -4.82 19.29
C THR B 270 0.81 -5.75 20.35
N ILE B 271 1.06 -5.19 21.53
CA ILE B 271 1.61 -5.97 22.63
C ILE B 271 0.54 -6.90 23.22
N GLN B 272 -0.71 -6.45 23.23
CA GLN B 272 -1.78 -7.26 23.79
C GLN B 272 -1.98 -8.51 22.92
N CYS B 273 -2.15 -8.31 21.62
CA CYS B 273 -2.34 -9.43 20.72
C CYS B 273 -1.08 -10.26 20.60
N ALA B 274 -0.01 -9.83 21.25
CA ALA B 274 1.24 -10.58 21.18
C ALA B 274 1.28 -11.48 22.41
N LYS B 275 0.91 -10.92 23.56
CA LYS B 275 0.90 -11.69 24.79
C LYS B 275 -0.13 -12.79 24.66
N ALA B 276 -1.28 -12.45 24.07
CA ALA B 276 -2.36 -13.39 23.87
C ALA B 276 -1.92 -14.60 23.04
N GLN B 277 -1.07 -14.37 22.04
CA GLN B 277 -0.59 -15.44 21.17
C GLN B 277 0.59 -16.22 21.74
N ALA B 278 1.33 -15.60 22.65
CA ALA B 278 2.49 -16.24 23.25
C ALA B 278 2.14 -16.90 24.58
N GLY B 279 1.61 -16.21 25.47
N ARG B 283 8.29 -16.26 24.84
CA ARG B 283 8.15 -14.82 24.43
C ARG B 283 7.56 -14.72 23.02
N PRO B 284 7.00 -13.54 22.68
CA PRO B 284 6.42 -13.36 21.34
C PRO B 284 7.53 -13.35 20.30
N SER B 285 7.31 -14.05 19.18
CA SER B 285 8.31 -14.09 18.13
C SER B 285 8.14 -12.85 17.27
N PRO B 286 9.03 -12.65 16.29
CA PRO B 286 8.89 -11.47 15.45
C PRO B 286 7.50 -11.34 14.81
N MET B 287 6.92 -12.47 14.42
CA MET B 287 5.60 -12.50 13.79
C MET B 287 4.45 -11.94 14.60
N GLN B 288 4.46 -12.19 15.90
CA GLN B 288 3.39 -11.71 16.77
C GLN B 288 3.61 -10.25 17.17
N LEU B 289 4.83 -9.77 17.02
CA LEU B 289 5.13 -8.39 17.34
C LEU B 289 5.06 -7.52 16.09
N GLU B 290 4.50 -8.05 15.01
CA GLU B 290 4.35 -7.27 13.80
C GLU B 290 3.35 -6.20 14.19
N LEU B 291 3.58 -4.96 13.78
CA LEU B 291 2.65 -3.89 14.13
C LEU B 291 1.23 -4.21 13.66
N ARG B 292 0.26 -4.04 14.57
CA ARG B 292 -1.14 -4.26 14.26
C ARG B 292 -1.59 -2.99 13.55
N MET B 293 -1.14 -2.81 12.31
CA MET B 293 -1.46 -1.62 11.55
C MET B 293 -2.92 -1.39 11.16
N VAL B 294 -3.51 -2.30 10.37
CA VAL B 294 -4.89 -2.11 9.92
C VAL B 294 -5.87 -1.92 11.06
N GLN B 295 -5.59 -2.56 12.18
CA GLN B 295 -6.46 -2.47 13.33
C GLN B 295 -6.34 -1.13 14.05
N SER B 296 -5.35 -0.33 13.71
CA SER B 296 -5.18 0.95 14.39
C SER B 296 -5.70 2.11 13.57
N LYS B 297 -6.55 1.80 12.60
CA LYS B 297 -7.11 2.83 11.74
C LYS B 297 -7.57 4.03 12.55
N ARG B 298 -8.56 3.83 13.42
CA ARG B 298 -9.09 4.94 14.20
C ARG B 298 -8.01 5.78 14.87
N ASP B 299 -7.11 5.10 15.58
CA ASP B 299 -6.03 5.77 16.29
C ASP B 299 -5.11 6.57 15.38
N ILE B 300 -4.97 6.13 14.14
CA ILE B 300 -4.13 6.85 13.20
C ILE B 300 -4.82 8.12 12.74
N GLU B 301 -6.12 8.04 12.51
CA GLU B 301 -6.92 9.17 12.06
C GLU B 301 -6.99 10.29 13.09
N ASP B 302 -7.30 9.92 14.32
CA ASP B 302 -7.42 10.90 15.39
C ASP B 302 -6.85 10.27 16.65
N PRO B 303 -5.53 10.33 16.81
CA PRO B 303 -4.86 9.75 17.96
C PRO B 303 -5.08 10.61 19.19
N GLU B 304 -5.48 9.95 20.27
CA GLU B 304 -5.73 10.63 21.53
C GLU B 304 -4.35 10.86 22.10
N ILE B 305 -4.00 12.12 22.37
CA ILE B 305 -2.68 12.41 22.93
C ILE B 305 -2.62 11.83 24.32
N VAL B 306 -1.62 10.96 24.57
CA VAL B 306 -1.48 10.31 25.86
C VAL B 306 -0.16 10.62 26.54
N VAL B 307 0.69 11.35 25.84
CA VAL B 307 1.98 11.73 26.39
C VAL B 307 2.23 13.16 25.96
N GLN B 308 2.21 14.07 26.92
CA GLN B 308 2.41 15.46 26.62
C GLN B 308 3.91 15.75 26.61
N ALA B 309 4.36 16.62 25.71
CA ALA B 309 5.78 16.93 25.65
C ALA B 309 6.11 18.07 26.58
N THR B 310 7.33 18.06 27.13
CA THR B 310 7.75 19.14 28.00
C THR B 310 8.51 20.09 27.10
N VAL B 311 8.29 21.39 27.28
CA VAL B 311 8.94 22.40 26.45
C VAL B 311 10.36 22.71 26.87
N LEU B 312 11.23 22.83 25.87
CA LEU B 312 12.64 23.16 26.08
C LEU B 312 12.94 24.47 25.36
#